data_7RAL
#
_entry.id   7RAL
#
loop_
_entity.id
_entity.type
_entity.pdbx_description
1 polymer 'S2X259 Fab heavy chain'
2 polymer 'S2X259 Fab light chain'
3 polymer 'Spike glycoprotein'
4 non-polymer 2-acetamido-2-deoxy-beta-D-glucopyranose
#
loop_
_entity_poly.entity_id
_entity_poly.type
_entity_poly.pdbx_seq_one_letter_code
_entity_poly.pdbx_strand_id
1 'polypeptide(L)'
;QVQLVQSGAEVKKPGSSVKVSCKASGGIFNTYTISWVRQAPGQGLEWMGRIILMSGMANYAQKIQGRVTITADKSTSTAY
MELTSLRSDDTAVYYCARGFNGNYYGWGDDDAFDIWGQGTLVTVYS
;
H
2 'polypeptide(L)'
;QTVLTQPPSVSGAPGQRVTISCTGSNSNIGAGYDVHWYQQLPGTAPKLLICGNSNRPSGVPDRFSGSKSGTSASLAITGL
QAEDEADYYCQSYDSSLSGPNWVFGGGTKLTVL
;
L
3 'polypeptide(L)'
;MFVFLVLLPLVSSQCVNLTTRTQLPPAYTNSFTRGVYYPDKVFRSSVLHSTQDLFLPFFSNVTWFHAIHVSGTNGTKRFD
NPVLPFNDGVYFASTEKSNIIRGWIFGTTLDSKTQSLLIVNNATNVVIKVCEFQFCNDPFLGVYYHKNNKSWMESEFRVY
SSANNCTFEYVSQPFLMDLEGKQGNFKNLREFVFKNIDGYFKIYSKHTPINLVRDLPQGFSALEPLVDLPIGINITRFQT
LLALHRSYLTPGDSSSGWTAGAAAYYVGYLQPRTFLLKYNENGTITDAVDCALDPLSETKCTLKSFTVEKGIYQTSNFRV
QPTESIVRFPNITNLCPFGEVFNATRFASVYAWNRKRISNCVADYSVLYNSASFSTFKCYGVSPTKLNDLCFTNVYADSF
VIRGDEVRQIAPGQTGKIADYNYKLPDDFTGCVIAWNSNNLDSKVGGNYNYLYRLFRKSNLKPFERDISTEIYQAGSTPC
NGVEGFNCYFPLQSYGFQPTNGVGYQPYRVVVLSFELLHAPATVCGPKKSTNLVKNKCVNFNFNGLTGTGVLTESNKKFL
PFQQFGRDIADTTDAVRDPQTLEILDITPCSFGGVSVITPGTNTSNQVAVLYQDVNCTEVPVAIHADQLTPTWRVYSTGS
NVFQTRAGCLIGAEHVNNSYECDIPIGAGICASYQTQTNSPGSASSVASQSIIAYTMSLGAENSVAYSNNSIAIPTNFTI
SVTTEILPVSMTKTSVDCTMYICGDSTECSNLLLQYGSFCTQLNRALTGIAVEQDKNTQEVFAQVKQIYKTPPIKDFGGF
NFSQILPDPSKPSKRSPIEDLLFNKVTLADAGFIKQYGDCLGDIAARDLICAQKFNGLTVLPPLLTDEMIAQYTSALLAG
TITSGWTFGAGPALQIPFPMQMAYRFNGIGVTQNVLYENQKLIANQFNSAIGKIQDSLSSTPSALGKLQDVVNQNAQALN
TLVKQLSSNFGAISSVLNDILSRLDPPEAEVQIDRLITGRLQSLQTYVTQQLIRAAEIRASANLAATKMSECVLGQSKRV
DFCGKGYHLMSFPQSAPHGVVFLHVTYVPAQEKNFTTAPAICHDGKAHFPREGVFVSNGTHWFVTQRNFYEPQIITTDNT
FVSGNCDVVIGIVNNTVYDPLQPELDSFKEELDKYFKNHTSPDVDLGDISGINASVVNIQKEIDRLNEVAKNLNESLIDL
QELGKYEQGSGYIPEAPRDGQAYVRKDGEWVLLSTFLGRSLEVLFQGPGHHHHHHHHSAWSHPQFEKGGGSGGGGSGGSA
WSHPQFEK
;
B
#
# COMPACT_ATOMS: atom_id res chain seq x y z
N VAL A 2 9.48 16.37 4.71
CA VAL A 2 10.50 15.38 4.95
C VAL A 2 11.54 15.45 3.82
N GLN A 3 12.77 15.02 4.12
CA GLN A 3 13.93 15.02 3.24
C GLN A 3 14.58 13.65 3.26
N LEU A 4 14.92 13.15 2.08
CA LEU A 4 15.62 11.88 1.94
C LEU A 4 16.91 12.06 1.18
N VAL A 5 18.02 11.86 1.86
CA VAL A 5 19.34 12.08 1.26
C VAL A 5 19.99 10.76 0.91
N GLN A 6 20.41 10.63 -0.34
CA GLN A 6 21.05 9.40 -0.80
C GLN A 6 22.55 9.56 -0.98
N SER A 7 23.19 8.46 -1.32
CA SER A 7 24.62 8.42 -1.57
C SER A 7 24.95 9.06 -2.91
N GLY A 8 26.23 9.39 -3.10
CA GLY A 8 26.68 9.94 -4.37
C GLY A 8 26.97 8.83 -5.37
N ALA A 9 27.39 9.22 -6.57
CA ALA A 9 27.69 8.27 -7.64
C ALA A 9 28.92 7.45 -7.35
N GLU A 10 28.91 6.20 -7.80
CA GLU A 10 30.11 5.38 -7.71
C GLU A 10 30.22 4.34 -8.81
N VAL A 11 31.45 3.87 -9.02
CA VAL A 11 31.71 2.88 -10.06
C VAL A 11 32.22 1.58 -9.46
N LYS A 12 31.59 0.49 -9.85
CA LYS A 12 31.96 -0.85 -9.40
C LYS A 12 32.37 -1.70 -10.58
N LYS A 13 33.16 -2.73 -10.32
CA LYS A 13 33.47 -3.67 -11.39
C LYS A 13 32.22 -4.52 -11.60
N PRO A 14 31.90 -4.88 -12.85
CA PRO A 14 30.74 -5.67 -13.17
C PRO A 14 30.83 -7.02 -12.49
N GLY A 15 29.72 -7.47 -11.95
CA GLY A 15 29.68 -8.74 -11.24
C GLY A 15 29.86 -8.57 -9.73
N SER A 16 30.25 -7.37 -9.29
CA SER A 16 30.46 -7.13 -7.86
C SER A 16 29.21 -6.56 -7.21
N SER A 17 29.36 -6.10 -5.96
CA SER A 17 28.21 -5.64 -5.19
C SER A 17 28.28 -4.16 -4.83
N VAL A 18 27.12 -3.59 -4.60
CA VAL A 18 26.99 -2.18 -4.23
C VAL A 18 26.03 -1.98 -3.07
N LYS A 19 26.34 -1.05 -2.17
CA LYS A 19 25.43 -0.68 -1.09
C LYS A 19 25.08 0.79 -1.16
N VAL A 20 23.81 1.08 -1.37
CA VAL A 20 23.32 2.46 -1.48
C VAL A 20 22.52 2.85 -0.26
N SER A 21 22.95 3.89 0.43
CA SER A 21 22.25 4.32 1.63
C SER A 21 21.21 5.38 1.27
N CYS A 22 20.29 5.62 2.24
CA CYS A 22 19.27 6.66 2.12
C CYS A 22 18.78 7.04 3.53
N LYS A 23 19.02 8.28 3.92
CA LYS A 23 18.70 8.74 5.27
C LYS A 23 17.56 9.75 5.28
N ALA A 24 16.47 9.39 5.96
CA ALA A 24 15.29 10.25 6.02
C ALA A 24 15.44 11.26 7.15
N SER A 25 16.33 12.21 6.95
CA SER A 25 16.70 13.17 7.99
C SER A 25 15.68 14.26 8.25
N GLY A 26 14.68 14.40 7.38
CA GLY A 26 13.74 15.49 7.49
C GLY A 26 13.01 15.34 8.83
N GLY A 27 12.21 14.29 9.02
CA GLY A 27 11.53 14.18 10.31
C GLY A 27 11.50 12.70 10.73
N ILE A 28 10.89 11.84 9.91
CA ILE A 28 10.72 10.39 10.12
C ILE A 28 9.43 10.15 10.91
N PHE A 29 8.59 11.16 11.10
CA PHE A 29 7.40 10.96 11.91
C PHE A 29 6.19 10.39 11.17
N ASN A 30 6.17 10.55 9.85
CA ASN A 30 5.09 9.97 9.02
C ASN A 30 5.66 9.02 7.99
N THR A 31 6.88 8.52 8.22
CA THR A 31 7.47 7.61 7.27
C THR A 31 7.43 6.21 7.82
N TYR A 32 6.73 5.33 7.13
CA TYR A 32 6.57 3.97 7.59
C TYR A 32 7.29 3.02 6.67
N THR A 33 7.45 3.43 5.43
CA THR A 33 8.05 2.59 4.41
C THR A 33 8.86 3.38 3.39
N ILE A 34 9.95 2.76 2.94
CA ILE A 34 10.83 3.30 1.91
C ILE A 34 10.85 2.37 0.71
N SER A 35 10.64 2.94 -0.46
CA SER A 35 10.69 2.15 -1.68
C SER A 35 11.84 2.53 -2.56
N TRP A 36 12.29 1.58 -3.35
CA TRP A 36 13.36 1.83 -4.29
C TRP A 36 12.89 1.59 -5.70
N VAL A 37 13.21 2.55 -6.55
CA VAL A 37 12.84 2.56 -7.95
C VAL A 37 14.06 2.87 -8.79
N ARG A 38 14.26 2.19 -9.91
CA ARG A 38 15.42 2.52 -10.72
C ARG A 38 15.04 3.00 -12.09
N GLN A 39 15.91 3.77 -12.70
CA GLN A 39 15.68 4.24 -14.06
C GLN A 39 16.92 4.13 -14.92
N ALA A 40 16.88 3.21 -15.87
CA ALA A 40 18.00 3.04 -16.79
C ALA A 40 18.01 4.25 -17.71
N PRO A 41 19.14 4.68 -18.24
CA PRO A 41 19.24 5.81 -19.13
C PRO A 41 18.29 5.64 -20.30
N GLY A 42 17.47 6.65 -20.56
CA GLY A 42 16.56 6.65 -21.68
C GLY A 42 15.29 5.83 -21.44
N GLN A 43 15.16 5.26 -20.24
CA GLN A 43 14.02 4.40 -19.93
C GLN A 43 13.09 5.02 -18.92
N GLY A 44 11.99 4.31 -18.63
CA GLY A 44 11.04 4.75 -17.62
C GLY A 44 11.48 4.23 -16.27
N LEU A 45 10.58 4.22 -15.30
CA LEU A 45 11.01 3.84 -13.96
C LEU A 45 10.54 2.44 -13.64
N GLU A 46 11.32 1.73 -12.86
CA GLU A 46 10.99 0.37 -12.48
C GLU A 46 10.98 0.20 -10.98
N TRP A 47 9.91 -0.36 -10.44
CA TRP A 47 9.92 -0.60 -9.00
C TRP A 47 10.80 -1.80 -8.70
N MET A 48 11.64 -1.68 -7.67
CA MET A 48 12.52 -2.79 -7.31
C MET A 48 12.13 -3.45 -6.00
N GLY A 49 11.61 -2.66 -5.08
CA GLY A 49 11.29 -3.20 -3.76
C GLY A 49 10.84 -2.15 -2.78
N ARG A 50 10.34 -2.60 -1.65
CA ARG A 50 9.90 -1.69 -0.60
C ARG A 50 10.12 -2.34 0.74
N ILE A 51 10.56 -1.55 1.70
CA ILE A 51 10.77 -2.05 3.04
C ILE A 51 9.92 -1.31 4.02
N ILE A 52 9.34 -2.04 4.96
CA ILE A 52 8.55 -1.41 5.98
C ILE A 52 9.50 -1.23 7.14
N LEU A 53 9.68 0.01 7.54
CA LEU A 53 10.72 0.34 8.49
C LEU A 53 10.43 -0.26 9.85
N MET A 54 9.17 -0.31 10.22
CA MET A 54 8.78 -0.83 11.53
C MET A 54 9.06 -2.31 11.67
N SER A 55 8.64 -3.10 10.69
CA SER A 55 8.77 -4.54 10.82
C SER A 55 10.08 -5.09 10.33
N GLY A 56 10.74 -4.38 9.42
CA GLY A 56 11.99 -4.85 8.84
C GLY A 56 11.75 -5.75 7.64
N MET A 57 10.49 -5.99 7.29
CA MET A 57 10.16 -6.83 6.15
C MET A 57 10.22 -6.05 4.86
N ALA A 58 10.64 -6.71 3.79
CA ALA A 58 10.68 -6.07 2.50
C ALA A 58 10.20 -7.02 1.41
N ASN A 59 9.57 -6.42 0.41
CA ASN A 59 9.11 -7.13 -0.77
C ASN A 59 9.97 -6.71 -1.95
N TYR A 60 10.10 -7.59 -2.93
CA TYR A 60 10.96 -7.29 -4.07
C TYR A 60 10.29 -7.58 -5.40
N ALA A 61 10.71 -6.90 -6.44
CA ALA A 61 10.27 -7.23 -7.79
C ALA A 61 10.80 -8.61 -8.13
N GLN A 62 9.96 -9.43 -8.76
CA GLN A 62 10.33 -10.81 -9.05
C GLN A 62 11.57 -10.94 -9.93
N LYS A 63 11.73 -10.02 -10.86
CA LYS A 63 12.82 -10.05 -11.83
C LYS A 63 14.22 -9.93 -11.21
N ILE A 64 14.30 -9.43 -9.98
CA ILE A 64 15.59 -9.32 -9.31
C ILE A 64 15.60 -10.10 -8.02
N GLN A 65 14.64 -10.98 -7.83
CA GLN A 65 14.58 -11.67 -6.57
C GLN A 65 15.78 -12.58 -6.44
N GLY A 66 16.33 -12.62 -5.23
CA GLY A 66 17.47 -13.46 -4.91
C GLY A 66 18.81 -12.73 -5.05
N ARG A 67 18.81 -11.56 -5.70
CA ARG A 67 20.06 -10.83 -5.88
C ARG A 67 20.00 -9.44 -5.26
N VAL A 68 18.89 -9.16 -4.58
CA VAL A 68 18.66 -7.86 -3.94
C VAL A 68 18.22 -8.02 -2.50
N THR A 69 18.73 -7.15 -1.63
CA THR A 69 18.23 -7.11 -0.26
C THR A 69 18.05 -5.66 0.17
N ILE A 70 17.08 -5.43 1.05
CA ILE A 70 16.89 -4.10 1.62
C ILE A 70 16.88 -4.20 3.14
N THR A 71 17.68 -3.36 3.80
CA THR A 71 17.76 -3.38 5.26
C THR A 71 17.34 -2.07 5.89
N ALA A 72 16.47 -2.14 6.89
CA ALA A 72 16.05 -0.93 7.59
C ALA A 72 16.78 -0.82 8.93
N ASP A 73 17.57 0.23 9.07
CA ASP A 73 18.30 0.49 10.29
C ASP A 73 17.61 1.61 11.07
N LYS A 74 16.80 1.23 12.05
CA LYS A 74 16.01 2.21 12.77
C LYS A 74 16.88 3.24 13.47
N SER A 75 18.00 2.79 14.01
CA SER A 75 18.87 3.62 14.83
C SER A 75 19.48 4.79 14.10
N THR A 76 19.51 4.73 12.77
CA THR A 76 20.11 5.80 11.99
C THR A 76 19.10 6.42 11.05
N SER A 77 17.86 5.92 11.11
CA SER A 77 16.77 6.23 10.18
C SER A 77 17.19 6.06 8.71
N THR A 78 17.80 4.91 8.40
CA THR A 78 18.22 4.67 7.02
C THR A 78 17.69 3.38 6.46
N ALA A 79 17.65 3.33 5.12
CA ALA A 79 17.35 2.10 4.42
C ALA A 79 18.47 1.81 3.44
N TYR A 80 19.05 0.63 3.56
CA TYR A 80 20.13 0.22 2.68
C TYR A 80 19.63 -0.66 1.55
N MET A 81 19.92 -0.24 0.34
CA MET A 81 19.60 -0.99 -0.85
C MET A 81 20.86 -1.62 -1.39
N GLU A 82 20.94 -2.94 -1.41
CA GLU A 82 22.17 -3.51 -1.91
C GLU A 82 21.92 -4.63 -2.90
N LEU A 83 22.81 -4.67 -3.89
CA LEU A 83 22.71 -5.61 -4.99
C LEU A 83 23.97 -6.43 -5.15
N THR A 84 23.78 -7.66 -5.62
CA THR A 84 24.88 -8.54 -5.97
C THR A 84 24.92 -8.70 -7.50
N SER A 85 26.02 -9.28 -8.02
CA SER A 85 26.25 -9.55 -9.45
C SER A 85 26.14 -8.27 -10.29
N ASP A 90 23.85 -3.46 -14.89
CA ASP A 90 23.27 -2.25 -15.46
C ASP A 90 23.88 -0.97 -14.86
N THR A 91 23.54 0.19 -15.47
CA THR A 91 24.05 1.53 -15.13
C THR A 91 22.94 2.48 -14.74
N ALA A 92 21.87 1.94 -14.19
CA ALA A 92 20.67 2.68 -13.84
C ALA A 92 20.86 3.60 -12.65
N VAL A 93 19.97 4.57 -12.54
CA VAL A 93 19.91 5.45 -11.39
C VAL A 93 18.93 4.90 -10.38
N TYR A 94 19.35 4.79 -9.13
CA TYR A 94 18.49 4.24 -8.10
C TYR A 94 17.93 5.31 -7.17
N TYR A 95 16.61 5.46 -7.19
CA TYR A 95 15.95 6.49 -6.40
C TYR A 95 15.33 5.93 -5.13
N CYS A 96 15.42 6.71 -4.05
CA CYS A 96 14.84 6.41 -2.75
C CYS A 96 13.59 7.27 -2.55
N ALA A 97 12.47 6.66 -2.20
CA ALA A 97 11.27 7.47 -1.96
C ALA A 97 10.42 6.92 -0.84
N ARG A 98 9.84 7.82 -0.05
CA ARG A 98 8.95 7.42 1.03
C ARG A 98 7.56 7.18 0.51
N GLY A 99 6.87 6.20 1.10
CA GLY A 99 5.47 5.95 0.74
C GLY A 99 4.56 6.90 1.50
N PHE A 100 3.47 7.32 0.87
CA PHE A 100 2.53 8.22 1.50
C PHE A 100 1.11 8.12 0.95
N ASN A 101 0.12 8.27 1.83
CA ASN A 101 -1.26 8.32 1.39
C ASN A 101 -1.97 9.40 2.19
N GLY A 102 -2.72 10.26 1.51
CA GLY A 102 -3.37 11.37 2.19
C GLY A 102 -4.64 10.98 2.93
N ASN A 103 -5.09 9.74 2.75
CA ASN A 103 -6.32 9.28 3.37
C ASN A 103 -6.09 8.57 4.70
N TYR A 104 -4.88 8.08 4.92
CA TYR A 104 -4.60 7.30 6.12
C TYR A 104 -3.14 7.33 6.50
N TYR A 105 -2.87 6.95 7.73
CA TYR A 105 -1.51 6.85 8.22
C TYR A 105 -1.07 5.41 8.10
N GLY A 106 0.20 5.19 7.84
CA GLY A 106 0.67 3.83 7.70
C GLY A 106 0.97 3.52 6.24
N TRP A 107 0.85 2.26 5.87
CA TRP A 107 1.27 1.83 4.53
C TRP A 107 0.30 0.87 3.90
N GLY A 108 0.29 0.83 2.57
CA GLY A 108 -0.60 -0.10 1.89
C GLY A 108 -0.31 -0.20 0.41
N ASP A 109 -1.32 -0.60 -0.35
CA ASP A 109 -1.16 -0.83 -1.79
C ASP A 109 -1.49 0.41 -2.61
N ASP A 110 -2.40 1.24 -2.10
CA ASP A 110 -2.88 2.43 -2.81
C ASP A 110 -2.12 3.69 -2.43
N ASP A 111 -0.98 3.52 -1.78
CA ASP A 111 -0.20 4.69 -1.40
C ASP A 111 0.65 5.12 -2.59
N ALA A 112 1.44 6.18 -2.41
CA ALA A 112 2.19 6.74 -3.52
C ALA A 112 3.54 7.23 -3.04
N PHE A 113 4.46 7.43 -3.97
CA PHE A 113 5.77 7.93 -3.61
C PHE A 113 5.78 9.44 -3.81
N ASP A 114 5.70 10.20 -2.73
CA ASP A 114 5.59 11.65 -2.84
C ASP A 114 6.94 12.36 -2.76
N ILE A 115 7.72 12.02 -1.74
CA ILE A 115 9.01 12.65 -1.55
C ILE A 115 10.14 11.73 -1.98
N TRP A 116 10.87 12.17 -2.99
CA TRP A 116 11.93 11.41 -3.60
C TRP A 116 13.29 12.00 -3.27
N GLY A 117 14.30 11.14 -3.20
CA GLY A 117 15.67 11.55 -3.00
C GLY A 117 16.31 11.96 -4.32
N GLN A 118 17.60 12.24 -4.30
CA GLN A 118 18.29 12.74 -5.48
C GLN A 118 18.55 11.72 -6.57
N GLY A 119 18.61 10.44 -6.22
CA GLY A 119 18.95 9.41 -7.19
C GLY A 119 20.45 9.11 -7.14
N THR A 120 20.80 7.86 -6.92
CA THR A 120 22.20 7.49 -6.87
C THR A 120 22.53 6.67 -8.09
N LEU A 121 23.48 7.09 -8.90
CA LEU A 121 23.76 6.26 -10.04
C LEU A 121 24.88 5.31 -9.71
N VAL A 122 24.78 4.12 -10.25
CA VAL A 122 25.82 3.12 -10.10
C VAL A 122 26.18 2.61 -11.47
N THR A 123 27.46 2.65 -11.81
CA THR A 123 27.85 2.18 -13.15
C THR A 123 28.98 1.15 -13.06
N VAL A 124 29.21 0.46 -14.20
CA VAL A 124 30.26 -0.56 -14.36
C VAL A 124 31.17 -0.18 -15.53
N VAL B 3 3.23 -3.81 -16.92
CA VAL B 3 3.59 -2.56 -17.58
C VAL B 3 2.32 -1.90 -18.10
N LEU B 4 2.20 -0.58 -17.93
CA LEU B 4 1.05 0.22 -18.38
C LEU B 4 1.42 0.89 -19.70
N THR B 5 0.50 0.87 -20.64
CA THR B 5 0.78 1.39 -21.97
C THR B 5 0.52 2.87 -22.08
N GLN B 6 1.49 3.58 -22.63
CA GLN B 6 1.38 5.01 -22.84
C GLN B 6 1.91 5.39 -24.21
N PRO B 7 1.40 6.47 -24.83
CA PRO B 7 1.88 7.01 -26.08
C PRO B 7 3.27 7.58 -25.87
N PRO B 8 4.21 7.36 -26.80
CA PRO B 8 5.56 7.89 -26.75
C PRO B 8 5.61 9.39 -26.52
N SER B 9 4.67 10.12 -27.12
CA SER B 9 4.64 11.57 -26.95
C SER B 9 3.28 12.17 -27.20
N VAL B 10 3.07 13.32 -26.60
CA VAL B 10 1.88 14.15 -26.80
C VAL B 10 2.28 15.61 -27.01
N SER B 11 1.67 16.28 -28.01
CA SER B 11 1.94 17.69 -28.32
C SER B 11 1.56 18.60 -27.14
N VAL B 18 -3.84 19.44 -23.39
CA VAL B 18 -3.79 18.10 -23.96
C VAL B 18 -3.96 17.05 -22.83
N THR B 19 -3.99 15.75 -23.19
CA THR B 19 -4.12 14.67 -22.23
C THR B 19 -3.08 13.58 -22.45
N ILE B 20 -2.66 12.96 -21.36
CA ILE B 20 -1.74 11.85 -21.38
C ILE B 20 -2.52 10.60 -20.98
N SER B 21 -2.60 9.62 -21.85
CA SER B 21 -3.36 8.42 -21.51
C SER B 21 -2.47 7.41 -20.74
N CYS B 22 -3.13 6.42 -20.11
CA CYS B 22 -2.51 5.29 -19.43
C CYS B 22 -3.44 4.09 -19.47
N THR B 23 -3.07 3.05 -20.20
CA THR B 23 -3.94 1.90 -20.34
C THR B 23 -3.36 0.67 -19.69
N GLY B 24 -4.13 0.06 -18.81
CA GLY B 24 -3.70 -1.14 -18.12
C GLY B 24 -4.68 -2.25 -18.38
N SER B 25 -4.93 -3.01 -17.33
CA SER B 25 -5.82 -4.16 -17.37
C SER B 25 -6.69 -4.15 -16.13
N ASN B 26 -7.51 -5.17 -15.97
CA ASN B 26 -8.40 -5.26 -14.83
C ASN B 26 -7.70 -5.84 -13.61
N SER B 27 -6.39 -6.04 -13.74
CA SER B 27 -5.56 -6.51 -12.65
C SER B 27 -4.83 -5.34 -11.97
N ASN B 28 -5.00 -4.14 -12.51
CA ASN B 28 -4.30 -2.98 -11.96
C ASN B 28 -5.10 -1.68 -12.03
N ILE B 29 -5.64 -1.32 -13.18
CA ILE B 29 -6.42 -0.08 -13.26
C ILE B 29 -7.90 -0.37 -13.15
N GLY B 30 -8.36 -1.40 -13.84
CA GLY B 30 -9.78 -1.76 -13.80
C GLY B 30 -10.05 -2.52 -12.51
N ALA B 31 -8.97 -2.77 -11.80
CA ALA B 31 -9.00 -3.44 -10.52
C ALA B 31 -9.54 -2.47 -9.47
N GLY B 32 -9.53 -1.18 -9.80
CA GLY B 32 -10.01 -0.15 -8.89
C GLY B 32 -8.87 0.53 -8.14
N TYR B 33 -7.68 -0.02 -8.24
CA TYR B 33 -6.53 0.56 -7.55
C TYR B 33 -6.19 1.94 -8.06
N ASP B 34 -5.77 2.80 -7.16
CA ASP B 34 -5.46 4.17 -7.50
C ASP B 34 -4.34 4.30 -8.51
N VAL B 35 -4.48 5.25 -9.43
CA VAL B 35 -3.46 5.52 -10.43
C VAL B 35 -2.87 6.88 -10.16
N HIS B 36 -1.59 6.91 -9.81
CA HIS B 36 -0.94 8.14 -9.42
C HIS B 36 -0.17 8.67 -10.61
N TRP B 37 0.06 9.98 -10.65
CA TRP B 37 0.81 10.55 -11.76
C TRP B 37 1.99 11.39 -11.33
N TYR B 38 3.05 11.26 -12.10
CA TYR B 38 4.31 11.96 -11.85
C TYR B 38 4.80 12.76 -13.04
N GLN B 39 5.50 13.83 -12.73
CA GLN B 39 6.18 14.65 -13.73
C GLN B 39 7.66 14.66 -13.48
N GLN B 40 8.43 14.06 -14.37
CA GLN B 40 9.87 14.02 -14.19
C GLN B 40 10.62 14.95 -15.12
N LEU B 41 11.23 15.96 -14.55
CA LEU B 41 12.05 16.85 -15.34
C LEU B 41 13.42 16.20 -15.44
N PRO B 42 14.13 16.37 -16.55
CA PRO B 42 15.43 15.80 -16.77
C PRO B 42 16.40 16.37 -15.75
N GLY B 43 17.28 15.52 -15.24
CA GLY B 43 18.27 15.94 -14.26
C GLY B 43 17.83 15.69 -12.82
N THR B 44 16.56 15.37 -12.59
CA THR B 44 16.14 15.13 -11.22
C THR B 44 15.14 13.98 -11.04
N ALA B 45 14.73 13.78 -9.79
CA ALA B 45 13.76 12.76 -9.40
C ALA B 45 12.37 13.23 -9.79
N PRO B 46 11.43 12.32 -10.05
CA PRO B 46 10.05 12.62 -10.40
C PRO B 46 9.31 13.28 -9.27
N LYS B 47 8.44 14.20 -9.63
CA LYS B 47 7.58 14.89 -8.68
C LYS B 47 6.15 14.39 -8.80
N LEU B 48 5.49 14.15 -7.69
CA LEU B 48 4.10 13.71 -7.73
C LEU B 48 3.17 14.87 -8.01
N LEU B 49 2.26 14.71 -8.98
CA LEU B 49 1.25 15.74 -9.21
C LEU B 49 -0.17 15.28 -8.88
N ILE B 50 -0.42 13.98 -8.96
CA ILE B 50 -1.71 13.43 -8.56
C ILE B 50 -1.59 12.23 -7.66
N CYS B 51 -2.34 12.28 -6.57
CA CYS B 51 -2.43 11.20 -5.61
C CYS B 51 -3.85 10.66 -5.61
N GLY B 52 -4.00 9.36 -5.65
CA GLY B 52 -5.35 8.83 -5.68
C GLY B 52 -5.93 9.10 -7.05
N ASN B 53 -7.24 9.27 -7.13
CA ASN B 53 -7.84 9.46 -8.44
C ASN B 53 -7.48 10.83 -8.96
N SER B 54 -7.72 11.88 -8.16
CA SER B 54 -7.42 13.23 -8.63
C SER B 54 -7.08 14.25 -7.54
N ASN B 55 -6.40 13.83 -6.48
CA ASN B 55 -6.00 14.80 -5.47
C ASN B 55 -4.63 15.32 -5.84
N ARG B 56 -4.27 16.50 -5.36
CA ARG B 56 -2.95 16.99 -5.70
C ARG B 56 -2.33 17.77 -4.53
N PRO B 57 -0.99 17.73 -4.40
CA PRO B 57 -0.19 18.47 -3.45
C PRO B 57 -0.12 19.92 -3.86
N SER B 58 0.23 20.79 -2.93
CA SER B 58 0.40 22.19 -3.26
C SER B 58 1.39 22.35 -4.41
N GLY B 59 1.05 23.21 -5.39
CA GLY B 59 1.87 23.48 -6.57
C GLY B 59 1.42 22.63 -7.74
N ARG B 63 -4.54 23.37 -12.86
CA ARG B 63 -3.67 23.02 -13.99
C ARG B 63 -3.73 21.53 -14.35
N PHE B 64 -3.98 20.67 -13.34
CA PHE B 64 -4.05 19.21 -13.51
C PHE B 64 -5.33 18.60 -12.95
N SER B 65 -5.80 17.58 -13.64
CA SER B 65 -6.97 16.81 -13.25
C SER B 65 -6.87 15.43 -13.88
N GLY B 66 -7.83 14.55 -13.61
CA GLY B 66 -7.78 13.21 -14.20
C GLY B 66 -8.97 12.35 -13.78
N SER B 67 -9.03 11.15 -14.35
CA SER B 67 -10.12 10.21 -14.09
C SER B 67 -9.78 8.80 -14.50
N LYS B 68 -10.64 7.85 -14.11
CA LYS B 68 -10.54 6.47 -14.57
C LYS B 68 -11.77 6.08 -15.38
N SER B 69 -11.60 5.11 -16.27
CA SER B 69 -12.71 4.53 -17.01
C SER B 69 -12.35 3.11 -17.45
N GLY B 70 -13.09 2.12 -16.97
CA GLY B 70 -12.77 0.75 -17.32
C GLY B 70 -11.38 0.39 -16.83
N THR B 71 -10.53 -0.07 -17.75
CA THR B 71 -9.16 -0.46 -17.43
C THR B 71 -8.18 0.62 -17.85
N SER B 72 -8.73 1.77 -18.22
CA SER B 72 -7.93 2.89 -18.65
C SER B 72 -8.00 4.03 -17.65
N ALA B 73 -7.03 4.91 -17.72
CA ALA B 73 -7.00 6.12 -16.90
C ALA B 73 -6.31 7.21 -17.69
N SER B 74 -6.55 8.46 -17.30
CA SER B 74 -5.86 9.53 -18.00
C SER B 74 -5.57 10.75 -17.15
N LEU B 75 -4.53 11.47 -17.56
CA LEU B 75 -4.09 12.72 -16.98
C LEU B 75 -4.41 13.88 -17.87
N ALA B 76 -5.09 14.87 -17.34
CA ALA B 76 -5.39 16.04 -18.12
C ALA B 76 -4.54 17.20 -17.67
N ILE B 77 -3.86 17.83 -18.62
CA ILE B 77 -3.07 19.03 -18.34
C ILE B 77 -3.65 20.15 -19.19
N THR B 78 -3.99 21.27 -18.57
CA THR B 78 -4.62 22.31 -19.37
C THR B 78 -3.83 23.61 -19.40
N GLY B 79 -3.55 24.05 -20.63
CA GLY B 79 -2.81 25.27 -20.89
C GLY B 79 -1.38 24.95 -21.28
N LEU B 80 -0.95 25.46 -22.42
CA LEU B 80 0.42 25.21 -22.86
C LEU B 80 1.34 26.20 -22.20
N GLN B 81 1.53 26.01 -20.89
CA GLN B 81 2.31 26.92 -20.08
C GLN B 81 3.77 26.64 -20.18
N ALA B 82 4.57 27.69 -20.16
CA ALA B 82 6.01 27.58 -20.20
C ALA B 82 6.39 26.53 -21.24
N GLU B 83 7.31 25.66 -20.87
CA GLU B 83 7.69 24.53 -21.70
C GLU B 83 7.80 23.30 -20.82
N ASP B 84 6.67 22.75 -20.40
CA ASP B 84 6.70 21.64 -19.46
C ASP B 84 6.96 20.33 -20.20
N GLU B 85 8.15 20.23 -20.79
CA GLU B 85 8.51 19.06 -21.57
C GLU B 85 9.09 18.01 -20.66
N ALA B 86 8.26 17.56 -19.75
CA ALA B 86 8.61 16.57 -18.77
C ALA B 86 8.22 15.19 -19.24
N ASP B 87 8.81 14.19 -18.65
CA ASP B 87 8.41 12.83 -18.91
C ASP B 87 7.35 12.46 -17.91
N TYR B 88 6.13 12.20 -18.37
CA TYR B 88 5.03 11.91 -17.45
C TYR B 88 4.83 10.42 -17.32
N TYR B 89 4.62 9.98 -16.09
CA TYR B 89 4.42 8.57 -15.81
C TYR B 89 3.20 8.32 -14.97
N CYS B 90 2.53 7.18 -15.19
CA CYS B 90 1.44 6.70 -14.37
C CYS B 90 1.94 5.54 -13.51
N GLN B 91 1.39 5.42 -12.31
CA GLN B 91 1.75 4.34 -11.41
C GLN B 91 0.54 3.71 -10.76
N SER B 92 0.53 2.39 -10.70
CA SER B 92 -0.56 1.69 -10.02
C SER B 92 -0.09 0.39 -9.41
N TYR B 93 -0.88 -0.14 -8.49
CA TYR B 93 -0.59 -1.43 -7.88
C TYR B 93 -1.06 -2.56 -8.75
N ASP B 94 -0.18 -3.52 -8.98
CA ASP B 94 -0.52 -4.71 -9.74
C ASP B 94 -0.82 -5.87 -8.82
N SER B 95 -1.94 -6.54 -9.05
CA SER B 95 -2.37 -7.60 -8.18
C SER B 95 -2.17 -9.00 -8.77
N SER B 96 -1.27 -9.15 -9.72
CA SER B 96 -1.04 -10.49 -10.27
C SER B 96 0.27 -11.12 -9.79
N LEU B 97 1.04 -11.60 -10.75
CA LEU B 97 2.28 -12.32 -10.49
C LEU B 97 2.08 -13.31 -9.35
N SER B 98 3.04 -13.36 -8.44
CA SER B 98 2.93 -14.20 -7.26
C SER B 98 3.22 -13.37 -6.03
N GLY B 99 2.84 -12.10 -6.08
CA GLY B 99 3.10 -11.20 -4.97
C GLY B 99 2.94 -9.75 -5.40
N PRO B 100 2.86 -8.84 -4.43
CA PRO B 100 2.61 -7.43 -4.62
C PRO B 100 3.74 -6.79 -5.37
N ASN B 101 3.38 -5.91 -6.29
CA ASN B 101 4.37 -5.17 -7.05
C ASN B 101 3.74 -3.89 -7.56
N TRP B 102 4.55 -2.88 -7.80
CA TRP B 102 4.04 -1.62 -8.32
C TRP B 102 4.56 -1.39 -9.70
N VAL B 103 3.69 -0.88 -10.55
CA VAL B 103 4.02 -0.73 -11.94
C VAL B 103 3.99 0.69 -12.42
N PHE B 104 5.05 1.07 -13.10
CA PHE B 104 5.11 2.37 -13.74
C PHE B 104 4.86 2.19 -15.22
N GLY B 105 4.24 3.17 -15.84
CA GLY B 105 3.97 3.08 -17.27
C GLY B 105 5.20 3.38 -18.11
N GLY B 106 5.05 3.21 -19.41
CA GLY B 106 6.15 3.41 -20.36
C GLY B 106 6.75 4.81 -20.31
N GLY B 107 5.93 5.82 -20.09
CA GLY B 107 6.42 7.20 -20.04
C GLY B 107 6.12 7.97 -21.31
N THR B 108 5.49 9.13 -21.14
CA THR B 108 5.12 9.97 -22.27
C THR B 108 5.88 11.28 -22.24
N LYS B 109 6.49 11.64 -23.35
CA LYS B 109 7.16 12.92 -23.41
C LYS B 109 6.18 14.01 -23.84
N LEU B 110 6.07 15.09 -23.06
CA LEU B 110 5.19 16.22 -23.40
C LEU B 110 6.00 17.37 -23.98
N ASN C 334 -1.22 -7.26 32.70
CA ASN C 334 -2.45 -7.65 32.02
C ASN C 334 -2.49 -7.08 30.59
N LEU C 335 -1.83 -7.79 29.65
CA LEU C 335 -1.80 -7.41 28.24
C LEU C 335 -3.08 -7.87 27.53
N CYS C 336 -3.52 -7.08 26.53
CA CYS C 336 -4.70 -7.37 25.72
C CYS C 336 -4.50 -8.64 24.88
N PRO C 337 -5.55 -9.45 24.74
CA PRO C 337 -5.56 -10.71 24.02
C PRO C 337 -5.56 -10.51 22.52
N PHE C 338 -4.50 -9.91 22.01
CA PHE C 338 -4.36 -9.73 20.57
C PHE C 338 -4.06 -11.06 19.93
N GLY C 339 -3.41 -11.95 20.66
CA GLY C 339 -3.09 -13.26 20.11
C GLY C 339 -4.35 -14.00 19.68
N GLU C 340 -5.45 -13.81 20.40
CA GLU C 340 -6.71 -14.49 20.08
C GLU C 340 -7.33 -13.96 18.81
N VAL C 341 -6.87 -12.81 18.35
CA VAL C 341 -7.38 -12.16 17.16
C VAL C 341 -6.48 -12.42 15.96
N PHE C 342 -5.18 -12.30 16.17
CA PHE C 342 -4.20 -12.41 15.08
C PHE C 342 -3.58 -13.81 14.88
N ASN C 343 -3.54 -14.64 15.93
CA ASN C 343 -2.96 -15.99 15.88
C ASN C 343 -4.04 -17.08 15.97
N ALA C 344 -5.30 -16.74 15.63
CA ALA C 344 -6.42 -17.67 15.61
C ALA C 344 -6.27 -18.65 14.46
N THR C 345 -6.80 -19.86 14.63
CA THR C 345 -6.76 -20.84 13.57
C THR C 345 -7.95 -20.67 12.65
N ARG C 346 -9.09 -20.32 13.23
CA ARG C 346 -10.30 -20.21 12.47
C ARG C 346 -10.78 -18.78 12.39
N PHE C 347 -11.03 -18.33 11.17
CA PHE C 347 -11.56 -17.00 10.91
C PHE C 347 -12.92 -17.06 10.27
N ALA C 348 -13.70 -16.03 10.51
CA ALA C 348 -15.01 -15.89 9.93
C ALA C 348 -14.92 -15.51 8.46
N SER C 349 -15.96 -15.84 7.72
CA SER C 349 -16.10 -15.40 6.36
C SER C 349 -16.49 -13.94 6.37
N VAL C 350 -16.35 -13.26 5.25
CA VAL C 350 -16.68 -11.84 5.23
C VAL C 350 -18.17 -11.59 5.31
N TYR C 351 -19.01 -12.47 4.77
CA TYR C 351 -20.43 -12.19 4.84
C TYR C 351 -20.93 -12.27 6.26
N ALA C 352 -20.26 -13.07 7.08
CA ALA C 352 -20.67 -13.26 8.46
C ALA C 352 -19.50 -13.09 9.40
N TRP C 353 -18.88 -11.91 9.36
CA TRP C 353 -17.71 -11.69 10.17
C TRP C 353 -18.05 -11.67 11.64
N ASN C 354 -17.15 -12.20 12.46
CA ASN C 354 -17.35 -12.17 13.90
C ASN C 354 -16.48 -11.09 14.51
N ARG C 355 -16.59 -10.93 15.82
CA ARG C 355 -15.77 -9.90 16.44
C ARG C 355 -15.45 -10.20 17.88
N LYS C 356 -14.37 -9.60 18.35
CA LYS C 356 -14.01 -9.66 19.75
C LYS C 356 -14.06 -8.26 20.35
N ARG C 357 -14.53 -8.17 21.58
CA ARG C 357 -14.53 -6.88 22.26
C ARG C 357 -13.44 -6.87 23.30
N ILE C 358 -12.52 -5.93 23.17
CA ILE C 358 -11.37 -5.87 24.05
C ILE C 358 -11.45 -4.69 24.99
N SER C 359 -11.33 -4.97 26.29
CA SER C 359 -11.44 -3.96 27.33
C SER C 359 -10.63 -4.33 28.57
N ASN C 360 -10.43 -3.34 29.45
CA ASN C 360 -9.76 -3.55 30.73
C ASN C 360 -8.41 -4.24 30.63
N CYS C 361 -7.54 -3.81 29.68
CA CYS C 361 -6.22 -4.42 29.44
C CYS C 361 -5.24 -3.42 28.83
N VAL C 362 -3.96 -3.82 28.79
CA VAL C 362 -2.94 -2.98 28.19
C VAL C 362 -2.76 -3.27 26.71
N ALA C 363 -3.10 -2.29 25.91
CA ALA C 363 -3.08 -2.43 24.47
C ALA C 363 -1.72 -2.15 23.93
N ASP C 364 -0.81 -3.09 24.05
CA ASP C 364 0.52 -2.81 23.57
C ASP C 364 0.54 -3.07 22.07
N TYR C 365 0.49 -1.98 21.31
CA TYR C 365 0.32 -2.07 19.88
C TYR C 365 1.65 -2.35 19.21
N SER C 366 2.73 -2.33 20.00
CA SER C 366 4.07 -2.56 19.51
C SER C 366 4.15 -3.93 18.89
N VAL C 367 3.31 -4.83 19.39
CA VAL C 367 3.26 -6.19 18.93
C VAL C 367 2.76 -6.26 17.49
N LEU C 368 1.82 -5.38 17.13
CA LEU C 368 1.19 -5.45 15.84
C LEU C 368 1.85 -4.59 14.77
N TYR C 369 2.18 -3.34 15.07
CA TYR C 369 2.70 -2.51 13.98
C TYR C 369 4.13 -2.86 13.62
N ASN C 370 4.82 -3.58 14.50
CA ASN C 370 6.18 -3.99 14.21
C ASN C 370 6.21 -5.45 13.72
N SER C 371 5.05 -6.04 13.45
CA SER C 371 4.99 -7.42 13.01
C SER C 371 5.35 -7.58 11.55
N ALA C 372 6.19 -8.57 11.26
CA ALA C 372 6.64 -8.83 9.90
C ALA C 372 5.63 -9.63 9.13
N SER C 373 4.54 -10.00 9.76
CA SER C 373 3.54 -10.78 9.06
C SER C 373 2.59 -9.91 8.27
N PHE C 374 2.60 -8.60 8.53
CA PHE C 374 1.57 -7.75 7.92
C PHE C 374 2.01 -7.15 6.60
N SER C 375 1.08 -7.18 5.64
CA SER C 375 1.36 -6.64 4.32
C SER C 375 0.88 -5.21 4.23
N THR C 376 -0.12 -4.89 5.02
CA THR C 376 -0.69 -3.56 5.07
C THR C 376 -1.18 -3.25 6.45
N PHE C 377 -1.15 -1.97 6.78
CA PHE C 377 -1.55 -1.46 8.07
C PHE C 377 -1.92 -0.01 7.90
N LYS C 378 -3.20 0.30 7.94
CA LYS C 378 -3.61 1.67 7.69
C LYS C 378 -4.55 2.17 8.79
N CYS C 379 -4.33 3.40 9.26
CA CYS C 379 -5.08 3.98 10.37
C CYS C 379 -5.75 5.28 9.97
N TYR C 380 -6.97 5.43 10.45
CA TYR C 380 -7.77 6.60 10.18
C TYR C 380 -7.96 7.40 11.44
N GLY C 381 -7.51 8.65 11.40
CA GLY C 381 -7.64 9.57 12.54
C GLY C 381 -6.51 9.43 13.54
N VAL C 382 -5.65 8.45 13.37
CA VAL C 382 -4.57 8.23 14.31
C VAL C 382 -3.33 7.67 13.63
N SER C 383 -2.16 8.13 14.04
CA SER C 383 -0.91 7.58 13.54
C SER C 383 -0.53 6.34 14.37
N PRO C 384 -0.11 5.23 13.74
CA PRO C 384 0.32 4.00 14.39
C PRO C 384 1.28 4.21 15.56
N THR C 385 2.19 5.18 15.45
CA THR C 385 3.19 5.39 16.48
C THR C 385 2.63 6.05 17.73
N LYS C 386 1.41 6.58 17.64
CA LYS C 386 0.78 7.24 18.76
C LYS C 386 -0.24 6.35 19.43
N LEU C 387 -0.42 5.14 18.93
CA LEU C 387 -1.46 4.28 19.47
C LEU C 387 -1.23 3.96 20.94
N ASN C 388 0.02 3.90 21.37
CA ASN C 388 0.31 3.55 22.75
C ASN C 388 0.21 4.75 23.69
N ASP C 389 -0.03 5.95 23.14
CA ASP C 389 -0.10 7.16 23.93
C ASP C 389 -1.52 7.67 24.14
N LEU C 390 -2.50 6.87 23.76
CA LEU C 390 -3.90 7.27 23.86
C LEU C 390 -4.78 6.12 24.36
N CYS C 391 -5.90 6.46 25.06
CA CYS C 391 -6.80 5.50 25.69
C CYS C 391 -8.18 5.51 25.08
N PHE C 392 -8.83 4.35 25.11
CA PHE C 392 -10.19 4.15 24.64
C PHE C 392 -11.08 3.46 25.65
N THR C 393 -12.39 3.61 25.49
CA THR C 393 -13.34 2.90 26.33
C THR C 393 -13.19 1.43 26.08
N ASN C 394 -13.16 1.09 24.81
CA ASN C 394 -12.93 -0.28 24.38
C ASN C 394 -12.51 -0.26 22.93
N VAL C 395 -12.09 -1.39 22.42
CA VAL C 395 -11.85 -1.47 20.99
C VAL C 395 -12.55 -2.73 20.46
N TYR C 396 -12.88 -2.72 19.18
CA TYR C 396 -13.51 -3.90 18.60
C TYR C 396 -12.66 -4.49 17.52
N ALA C 397 -12.37 -5.77 17.64
CA ALA C 397 -11.56 -6.45 16.65
C ALA C 397 -12.42 -7.31 15.76
N ASP C 398 -12.74 -6.79 14.57
CA ASP C 398 -13.60 -7.49 13.63
C ASP C 398 -12.75 -8.25 12.65
N SER C 399 -12.92 -9.56 12.56
CA SER C 399 -12.02 -10.30 11.70
C SER C 399 -12.72 -11.18 10.67
N PHE C 400 -12.10 -11.27 9.51
CA PHE C 400 -12.62 -12.05 8.40
C PHE C 400 -11.61 -12.30 7.29
N VAL C 401 -11.93 -13.24 6.39
CA VAL C 401 -11.08 -13.51 5.22
C VAL C 401 -11.71 -13.08 3.90
N ILE C 402 -10.96 -12.29 3.13
CA ILE C 402 -11.36 -11.83 1.81
C ILE C 402 -10.29 -12.04 0.76
N ARG C 403 -10.65 -11.95 -0.52
CA ARG C 403 -9.64 -12.03 -1.56
C ARG C 403 -8.84 -10.73 -1.61
N GLY C 404 -7.55 -10.85 -1.92
CA GLY C 404 -6.61 -9.74 -1.86
C GLY C 404 -6.96 -8.46 -2.61
N ASP C 405 -7.58 -8.52 -3.78
CA ASP C 405 -7.80 -7.25 -4.46
C ASP C 405 -9.00 -6.50 -3.95
N GLU C 406 -9.66 -7.01 -2.91
CA GLU C 406 -10.75 -6.28 -2.30
C GLU C 406 -10.34 -5.75 -0.93
N VAL C 407 -9.06 -5.86 -0.60
CA VAL C 407 -8.57 -5.33 0.66
C VAL C 407 -8.72 -3.83 0.67
N ARG C 408 -8.58 -3.20 -0.48
CA ARG C 408 -8.73 -1.76 -0.55
C ARG C 408 -10.17 -1.30 -0.25
N GLN C 409 -11.14 -2.21 -0.22
CA GLN C 409 -12.51 -1.82 0.06
C GLN C 409 -12.82 -1.68 1.54
N ILE C 410 -11.95 -2.18 2.41
CA ILE C 410 -12.27 -2.05 3.82
C ILE C 410 -11.69 -0.76 4.35
N ALA C 411 -12.40 0.31 4.01
CA ALA C 411 -12.01 1.67 4.29
C ALA C 411 -13.26 2.56 4.17
N PRO C 412 -13.30 3.72 4.84
CA PRO C 412 -14.37 4.67 4.79
C PRO C 412 -14.47 5.24 3.39
N GLY C 413 -15.69 5.47 2.93
CA GLY C 413 -15.91 6.06 1.62
C GLY C 413 -15.81 5.07 0.46
N GLN C 414 -15.55 3.80 0.75
CA GLN C 414 -15.40 2.85 -0.33
C GLN C 414 -16.70 2.16 -0.70
N THR C 415 -16.75 1.68 -1.93
CA THR C 415 -17.89 0.95 -2.48
C THR C 415 -17.41 -0.36 -3.10
N GLY C 416 -18.36 -1.23 -3.43
CA GLY C 416 -18.03 -2.52 -4.01
C GLY C 416 -18.83 -3.59 -3.29
N LYS C 417 -18.86 -4.80 -3.81
CA LYS C 417 -19.72 -5.81 -3.20
C LYS C 417 -19.41 -6.02 -1.71
N ILE C 418 -18.14 -6.02 -1.32
CA ILE C 418 -17.87 -6.20 0.10
C ILE C 418 -18.16 -4.94 0.88
N ALA C 419 -17.69 -3.80 0.39
CA ALA C 419 -17.94 -2.54 1.09
C ALA C 419 -19.42 -2.26 1.27
N ASP C 420 -20.23 -2.65 0.30
CA ASP C 420 -21.64 -2.37 0.33
C ASP C 420 -22.50 -3.45 0.98
N TYR C 421 -22.15 -4.73 0.81
CA TYR C 421 -23.03 -5.78 1.28
C TYR C 421 -22.46 -6.77 2.30
N ASN C 422 -21.21 -6.64 2.71
CA ASN C 422 -20.70 -7.58 3.72
C ASN C 422 -20.16 -6.88 4.95
N TYR C 423 -19.27 -5.92 4.75
CA TYR C 423 -18.75 -5.18 5.88
C TYR C 423 -18.82 -3.71 5.58
N LYS C 424 -19.81 -3.03 6.13
CA LYS C 424 -19.89 -1.61 5.87
C LYS C 424 -19.05 -0.87 6.87
N LEU C 425 -18.06 -0.18 6.37
CA LEU C 425 -17.11 0.58 7.17
C LEU C 425 -17.61 2.03 7.19
N PRO C 426 -17.94 2.59 8.37
CA PRO C 426 -18.50 3.92 8.51
C PRO C 426 -17.56 4.99 8.00
N ASP C 427 -18.12 6.05 7.44
CA ASP C 427 -17.31 7.08 6.79
C ASP C 427 -16.63 8.00 7.80
N ASP C 428 -17.03 7.90 9.06
CA ASP C 428 -16.43 8.65 10.16
C ASP C 428 -15.57 7.73 11.04
N PHE C 429 -15.17 6.59 10.47
CA PHE C 429 -14.40 5.60 11.17
C PHE C 429 -13.06 6.07 11.72
N THR C 430 -12.82 5.68 12.96
CA THR C 430 -11.55 5.90 13.61
C THR C 430 -11.04 4.54 14.05
N GLY C 431 -9.81 4.23 13.70
CA GLY C 431 -9.26 2.92 14.01
C GLY C 431 -8.22 2.51 12.98
N CYS C 432 -7.76 1.26 13.08
CA CYS C 432 -6.72 0.70 12.21
C CYS C 432 -7.14 -0.59 11.55
N VAL C 433 -6.79 -0.73 10.29
CA VAL C 433 -7.06 -1.94 9.54
C VAL C 433 -5.77 -2.65 9.21
N ILE C 434 -5.70 -3.90 9.62
CA ILE C 434 -4.51 -4.72 9.47
C ILE C 434 -4.78 -5.92 8.60
N ALA C 435 -3.92 -6.21 7.65
CA ALA C 435 -4.16 -7.39 6.83
C ALA C 435 -2.89 -8.07 6.40
N TRP C 436 -3.01 -9.36 6.12
CA TRP C 436 -1.86 -10.13 5.68
C TRP C 436 -2.22 -11.27 4.76
N ASN C 437 -1.22 -11.74 4.03
CA ASN C 437 -1.38 -12.83 3.08
C ASN C 437 -1.41 -14.16 3.82
N SER C 438 -2.52 -14.89 3.68
CA SER C 438 -2.70 -16.14 4.41
C SER C 438 -2.71 -17.33 3.47
N ASN C 439 -2.15 -17.17 2.29
CA ASN C 439 -2.15 -18.24 1.30
C ASN C 439 -1.70 -19.58 1.85
N ASN C 440 -0.69 -19.58 2.71
CA ASN C 440 -0.13 -20.84 3.24
C ASN C 440 -0.98 -21.47 4.34
N LEU C 441 -2.07 -20.81 4.72
CA LEU C 441 -2.96 -21.35 5.72
C LEU C 441 -4.35 -21.63 5.16
N ASP C 442 -4.86 -20.72 4.35
CA ASP C 442 -6.22 -20.80 3.87
C ASP C 442 -6.44 -21.47 2.52
N SER C 443 -5.47 -21.47 1.61
CA SER C 443 -5.78 -22.02 0.29
C SER C 443 -5.69 -23.54 0.26
N LYS C 444 -6.44 -24.16 -0.64
CA LYS C 444 -6.40 -25.61 -0.78
C LYS C 444 -6.12 -26.05 -2.21
N VAL C 445 -5.44 -27.19 -2.38
CA VAL C 445 -5.15 -27.78 -3.69
C VAL C 445 -6.42 -28.45 -4.22
N ASN C 448 -10.52 -23.44 -1.86
CA ASN C 448 -10.98 -23.50 -0.47
C ASN C 448 -12.44 -23.12 -0.40
N TYR C 449 -13.32 -24.10 -0.62
CA TYR C 449 -14.76 -23.90 -0.62
C TYR C 449 -15.28 -23.91 0.79
N ASN C 450 -15.03 -22.78 1.44
CA ASN C 450 -15.33 -22.57 2.84
C ASN C 450 -15.73 -21.14 3.11
N TYR C 451 -14.91 -20.20 2.64
CA TYR C 451 -15.20 -18.81 2.91
C TYR C 451 -16.19 -18.26 1.91
N LEU C 452 -17.25 -17.62 2.43
CA LEU C 452 -18.32 -17.06 1.62
C LEU C 452 -18.42 -15.53 1.66
N TYR C 453 -18.91 -14.97 0.55
CA TYR C 453 -19.19 -13.55 0.43
C TYR C 453 -20.51 -13.37 -0.29
N ARG C 454 -21.14 -12.20 -0.18
CA ARG C 454 -22.41 -12.02 -0.85
C ARG C 454 -22.31 -11.62 -2.30
N LEU C 455 -23.24 -12.15 -3.08
CA LEU C 455 -23.42 -11.77 -4.47
C LEU C 455 -24.70 -10.98 -4.61
N PHE C 456 -25.76 -11.45 -3.98
CA PHE C 456 -27.04 -10.80 -4.10
C PHE C 456 -27.57 -10.25 -2.79
N ARG C 457 -27.65 -8.94 -2.70
CA ARG C 457 -28.19 -8.29 -1.52
C ARG C 457 -29.10 -7.16 -2.02
N LYS C 458 -30.35 -7.18 -1.56
CA LYS C 458 -31.39 -6.27 -2.03
C LYS C 458 -31.10 -4.79 -1.79
N SER C 459 -30.46 -4.48 -0.67
CA SER C 459 -30.19 -3.09 -0.32
C SER C 459 -28.85 -2.98 0.40
N ASN C 460 -28.37 -1.75 0.59
CA ASN C 460 -27.07 -1.50 1.21
C ASN C 460 -27.09 -1.71 2.72
N LEU C 461 -25.92 -2.08 3.26
CA LEU C 461 -25.76 -2.20 4.70
C LEU C 461 -25.43 -0.86 5.34
N LYS C 462 -25.81 -0.73 6.60
CA LYS C 462 -25.37 0.39 7.42
C LYS C 462 -24.15 -0.09 8.19
N PRO C 463 -23.31 0.79 8.75
CA PRO C 463 -22.06 0.45 9.39
C PRO C 463 -22.18 -0.65 10.43
N PHE C 464 -21.28 -1.63 10.29
CA PHE C 464 -21.15 -2.79 11.16
C PHE C 464 -22.37 -3.73 11.20
N GLU C 465 -23.34 -3.54 10.33
CA GLU C 465 -24.51 -4.40 10.40
C GLU C 465 -24.34 -5.69 9.62
N ARG C 466 -23.71 -6.68 10.25
CA ARG C 466 -23.51 -7.98 9.63
C ARG C 466 -24.85 -8.69 9.48
N ASP C 467 -25.06 -9.41 8.38
CA ASP C 467 -26.31 -10.12 8.21
C ASP C 467 -26.15 -11.54 7.71
N ILE C 468 -26.83 -12.47 8.38
CA ILE C 468 -26.78 -13.87 8.00
C ILE C 468 -28.15 -14.33 7.49
N SER C 469 -28.20 -14.85 6.26
CA SER C 469 -29.42 -15.34 5.62
C SER C 469 -29.09 -16.32 4.50
N PRO C 491 -27.29 -16.67 -3.37
CA PRO C 491 -27.14 -15.54 -2.47
C PRO C 491 -25.67 -15.32 -2.09
N LEU C 492 -25.02 -16.38 -1.57
CA LEU C 492 -23.61 -16.40 -1.16
C LEU C 492 -22.79 -17.23 -2.12
N GLN C 493 -21.50 -16.89 -2.25
CA GLN C 493 -20.60 -17.65 -3.10
C GLN C 493 -19.26 -17.92 -2.44
N SER C 494 -18.72 -19.11 -2.67
CA SER C 494 -17.42 -19.50 -2.17
C SER C 494 -16.31 -18.82 -2.93
N TYR C 495 -15.25 -18.44 -2.23
CA TYR C 495 -14.09 -17.86 -2.87
C TYR C 495 -13.28 -18.92 -3.62
N GLY C 496 -13.16 -20.11 -3.06
CA GLY C 496 -12.44 -21.17 -3.75
C GLY C 496 -10.94 -20.85 -3.87
N PHE C 497 -10.37 -20.29 -2.83
CA PHE C 497 -8.98 -19.85 -2.87
C PHE C 497 -8.02 -20.97 -3.25
N GLN C 498 -7.10 -20.67 -4.18
CA GLN C 498 -6.12 -21.67 -4.60
C GLN C 498 -4.69 -21.30 -4.18
N PRO C 499 -3.81 -22.29 -3.99
CA PRO C 499 -2.37 -22.20 -3.78
C PRO C 499 -1.58 -21.62 -4.95
N THR C 500 -2.18 -21.57 -6.12
CA THR C 500 -1.48 -21.10 -7.30
C THR C 500 -2.19 -19.92 -7.95
N ASN C 501 -2.37 -18.84 -7.20
CA ASN C 501 -3.06 -17.66 -7.73
C ASN C 501 -2.19 -16.42 -7.58
N GLY C 502 -2.68 -15.30 -8.10
CA GLY C 502 -1.96 -14.05 -7.95
C GLY C 502 -2.30 -13.42 -6.63
N VAL C 503 -1.61 -12.35 -6.27
CA VAL C 503 -1.84 -11.76 -4.97
C VAL C 503 -3.27 -11.24 -4.79
N GLY C 504 -3.92 -10.82 -5.87
CA GLY C 504 -5.29 -10.34 -5.80
C GLY C 504 -6.31 -11.43 -5.50
N TYR C 505 -5.98 -12.68 -5.81
CA TYR C 505 -6.89 -13.78 -5.57
C TYR C 505 -6.52 -14.57 -4.34
N GLN C 506 -5.26 -14.51 -3.94
CA GLN C 506 -4.85 -15.19 -2.74
C GLN C 506 -5.66 -14.57 -1.61
N PRO C 507 -5.99 -15.32 -0.57
CA PRO C 507 -6.71 -14.85 0.58
C PRO C 507 -5.87 -13.92 1.41
N TYR C 508 -6.50 -12.86 1.86
CA TYR C 508 -5.93 -11.94 2.81
C TYR C 508 -6.78 -11.91 4.04
N ARG C 509 -6.13 -12.11 5.16
CA ARG C 509 -6.84 -12.15 6.39
C ARG C 509 -6.87 -10.75 6.93
N VAL C 510 -8.06 -10.30 7.32
CA VAL C 510 -8.23 -8.92 7.71
C VAL C 510 -8.76 -8.74 9.11
N VAL C 511 -8.12 -7.85 9.86
CA VAL C 511 -8.59 -7.48 11.18
C VAL C 511 -8.81 -5.98 11.24
N VAL C 512 -10.01 -5.59 11.63
CA VAL C 512 -10.33 -4.17 11.75
C VAL C 512 -10.47 -3.80 13.21
N LEU C 513 -9.64 -2.89 13.67
CA LEU C 513 -9.68 -2.48 15.06
C LEU C 513 -10.35 -1.12 15.17
N SER C 514 -11.62 -1.11 15.56
CA SER C 514 -12.31 0.17 15.67
C SER C 514 -12.07 0.69 17.06
N PHE C 515 -12.02 2.00 17.21
CA PHE C 515 -11.78 2.57 18.52
C PHE C 515 -12.98 3.34 19.04
N GLU C 516 -13.46 2.96 20.22
CA GLU C 516 -14.64 3.61 20.78
C GLU C 516 -14.29 4.40 22.04
N LEU C 517 -14.61 5.71 22.01
CA LEU C 517 -14.35 6.58 23.15
C LEU C 517 -15.64 7.26 23.62
N LEU C 518 -16.13 6.83 24.78
CA LEU C 518 -17.38 7.29 25.35
C LEU C 518 -17.17 7.97 26.69
N HIS C 519 -18.26 8.40 27.31
CA HIS C 519 -18.20 8.96 28.66
C HIS C 519 -17.99 7.81 29.62
N ALA C 520 -16.74 7.39 29.70
CA ALA C 520 -16.33 6.17 30.37
C ALA C 520 -14.90 6.34 30.91
N PRO C 521 -14.45 5.48 31.83
CA PRO C 521 -13.12 5.47 32.40
C PRO C 521 -11.97 5.27 31.41
N ALA C 522 -12.25 4.79 30.20
CA ALA C 522 -11.22 4.59 29.19
C ALA C 522 -10.14 3.63 29.67
N THR C 523 -10.45 2.35 29.71
CA THR C 523 -9.55 1.37 30.29
C THR C 523 -8.64 0.67 29.30
N VAL C 524 -8.74 0.99 28.02
CA VAL C 524 -7.83 0.37 27.05
C VAL C 524 -6.74 1.35 26.66
N CYS C 525 -5.55 1.17 27.25
CA CYS C 525 -4.41 2.08 27.09
C CYS C 525 -3.19 1.26 26.76
N GLY C 526 -2.27 1.80 25.98
CA GLY C 526 -1.01 1.11 25.77
C GLY C 526 -0.10 1.43 26.96
N PRO C 527 1.15 0.89 27.02
CA PRO C 527 2.15 1.12 28.07
C PRO C 527 2.40 2.60 28.32
#